data_5TPM
#
_entry.id   5TPM
#
_cell.length_a   64.397
_cell.length_b   95.347
_cell.length_c   70.001
_cell.angle_alpha   90.00
_cell.angle_beta   114.09
_cell.angle_gamma   90.00
#
_symmetry.space_group_name_H-M   'P 1 21 1'
#
loop_
_entity.id
_entity.type
_entity.pdbx_description
1 polymer 'Pyruvate dehydrogenase complex repressor'
2 water water
#
_entity_poly.entity_id   1
_entity_poly.type   'polypeptide(L)'
_entity_poly.pdbx_seq_one_letter_code
;SNADLLETRHALEGIAAYYAALRSTDEDKERIRELHHAIELAQQSGDLDAESNAVLQYQIAVTEAAHNVVLLHLLRC
(MSE)EP(MSE)LAQNVRQNFELLYSRRE(MSE)LPLVSSHRTRIFEAI(MSE)AGKPEEAREASHRHLAFIEEILLDRS
REESRRERSLRRLEQRKN
;
_entity_poly.pdbx_strand_id   A,B,C,D
#
# COMPACT_ATOMS: atom_id res chain seq x y z
N SER A 1 10.69 8.40 -3.77
CA SER A 1 12.10 8.82 -3.43
C SER A 1 12.69 7.92 -2.33
N ASN A 2 13.99 7.59 -2.44
CA ASN A 2 14.64 6.77 -1.41
C ASN A 2 14.91 7.67 -0.20
N ALA A 3 14.87 8.99 -0.40
CA ALA A 3 15.06 9.97 0.68
C ALA A 3 13.80 10.09 1.55
N ASP A 4 12.67 10.33 0.90
CA ASP A 4 11.39 10.46 1.59
C ASP A 4 11.03 9.22 2.39
N LEU A 5 11.40 8.07 1.87
CA LEU A 5 11.14 6.79 2.53
C LEU A 5 11.90 6.67 3.84
N LEU A 6 13.14 7.14 3.87
CA LEU A 6 13.94 7.06 5.10
C LEU A 6 13.30 7.87 6.22
N GLU A 7 12.83 9.06 5.87
CA GLU A 7 12.19 9.91 6.88
C GLU A 7 10.93 9.25 7.41
N THR A 8 10.29 8.46 6.57
CA THR A 8 9.08 7.74 6.97
C THR A 8 9.46 6.57 7.86
N ARG A 9 10.51 5.82 7.54
CA ARG A 9 10.95 4.71 8.41
C ARG A 9 11.38 5.32 9.74
N HIS A 10 12.06 6.46 9.66
CA HIS A 10 12.54 7.13 10.86
C HIS A 10 11.38 7.22 11.86
N ALA A 11 10.27 7.75 11.38
CA ALA A 11 9.07 7.91 12.19
C ALA A 11 8.49 6.59 12.65
N LEU A 12 8.10 5.76 11.70
CA LEU A 12 7.49 4.46 12.00
C LEU A 12 8.33 3.41 12.71
N GLU A 13 9.64 3.39 12.53
CA GLU A 13 10.47 2.39 13.19
C GLU A 13 10.73 2.80 14.63
N GLY A 14 10.64 4.10 14.88
CA GLY A 14 10.83 4.58 16.24
C GLY A 14 9.66 4.09 17.10
N ILE A 15 8.46 4.38 16.63
CA ILE A 15 7.27 3.96 17.36
C ILE A 15 7.15 2.44 17.42
N ALA A 16 7.67 1.75 16.42
CA ALA A 16 7.64 0.29 16.41
C ALA A 16 8.47 -0.23 17.56
N ALA A 17 9.67 0.31 17.68
CA ALA A 17 10.59 -0.08 18.73
C ALA A 17 10.03 0.28 20.11
N TYR A 18 9.34 1.42 20.18
CA TYR A 18 8.75 1.86 21.45
C TYR A 18 7.77 0.83 21.99
N TYR A 19 6.74 0.52 21.20
CA TYR A 19 5.73 -0.42 21.62
C TYR A 19 6.27 -1.83 21.74
N ALA A 20 7.26 -2.20 20.93
CA ALA A 20 7.84 -3.53 21.03
C ALA A 20 8.44 -3.70 22.41
N ALA A 21 9.10 -2.64 22.90
CA ALA A 21 9.72 -2.67 24.21
C ALA A 21 8.69 -2.87 25.30
N LEU A 22 7.57 -2.19 25.13
CA LEU A 22 6.47 -2.21 26.11
C LEU A 22 5.54 -3.42 26.07
N ARG A 23 5.25 -3.91 24.87
CA ARG A 23 4.31 -5.03 24.69
C ARG A 23 4.85 -6.40 24.30
N SER A 24 6.13 -6.52 24.00
CA SER A 24 6.68 -7.83 23.61
C SER A 24 6.53 -8.89 24.71
N THR A 25 6.09 -10.07 24.31
CA THR A 25 5.91 -11.19 25.22
C THR A 25 7.29 -11.84 25.40
N ASP A 26 7.36 -12.97 26.09
CA ASP A 26 8.65 -13.66 26.26
C ASP A 26 9.00 -14.41 24.97
N GLU A 27 7.99 -14.96 24.29
CA GLU A 27 8.22 -15.67 23.02
C GLU A 27 8.70 -14.66 21.96
N ASP A 28 8.09 -13.47 21.92
CA ASP A 28 8.48 -12.42 20.97
C ASP A 28 9.95 -12.10 21.19
N LYS A 29 10.31 -11.71 22.40
CA LYS A 29 11.69 -11.36 22.74
C LYS A 29 12.69 -12.45 22.33
N GLU A 30 12.28 -13.72 22.42
CA GLU A 30 13.16 -14.83 22.05
C GLU A 30 13.31 -14.94 20.53
N ARG A 31 12.17 -14.86 19.81
CA ARG A 31 12.18 -14.95 18.35
C ARG A 31 12.98 -13.79 17.76
N ILE A 32 12.97 -12.65 18.46
CA ILE A 32 13.72 -11.48 18.03
C ILE A 32 15.22 -11.67 18.27
N ARG A 33 15.57 -12.35 19.36
CA ARG A 33 16.96 -12.63 19.68
C ARG A 33 17.61 -13.48 18.62
N GLU A 34 16.87 -14.46 18.11
CA GLU A 34 17.40 -15.34 17.07
C GLU A 34 17.58 -14.58 15.77
N LEU A 35 16.63 -13.69 15.45
CA LEU A 35 16.72 -12.87 14.23
C LEU A 35 17.83 -11.83 14.30
N HIS A 36 18.07 -11.29 15.50
CA HIS A 36 19.15 -10.31 15.67
C HIS A 36 20.49 -11.00 15.49
N HIS A 37 20.63 -12.19 16.09
CA HIS A 37 21.87 -12.97 15.96
C HIS A 37 22.10 -13.42 14.53
N ALA A 38 21.00 -13.65 13.79
CA ALA A 38 21.10 -14.06 12.37
C ALA A 38 21.77 -12.98 11.52
N ILE A 39 21.63 -11.71 11.93
CA ILE A 39 22.23 -10.57 11.23
C ILE A 39 23.75 -10.64 11.39
N GLU A 40 24.18 -10.96 12.61
CA GLU A 40 25.60 -11.07 12.90
C GLU A 40 26.26 -12.16 12.05
N LEU A 41 25.59 -13.32 11.95
CA LEU A 41 26.13 -14.44 11.17
C LEU A 41 26.22 -14.10 9.68
N ALA A 42 25.21 -13.40 9.17
CA ALA A 42 25.21 -13.00 7.77
C ALA A 42 26.29 -11.95 7.51
N GLN A 43 26.55 -11.08 8.49
CA GLN A 43 27.59 -10.06 8.34
C GLN A 43 28.98 -10.68 8.33
N GLN A 44 29.23 -11.62 9.24
CA GLN A 44 30.52 -12.30 9.31
C GLN A 44 30.80 -13.19 8.11
N SER A 45 29.76 -13.72 7.47
CA SER A 45 29.97 -14.55 6.26
C SER A 45 30.24 -13.62 5.06
N GLY A 46 30.01 -12.32 5.25
CA GLY A 46 30.23 -11.33 4.21
C GLY A 46 29.24 -11.38 3.05
N ASP A 47 28.07 -11.99 3.28
CA ASP A 47 27.06 -12.11 2.25
C ASP A 47 26.05 -10.95 2.37
N LEU A 48 26.10 -10.00 1.44
CA LEU A 48 25.22 -8.83 1.41
C LEU A 48 23.73 -9.18 1.35
N ASP A 49 23.34 -9.99 0.36
CA ASP A 49 21.92 -10.36 0.23
C ASP A 49 21.37 -11.13 1.44
N ALA A 50 22.23 -11.87 2.13
CA ALA A 50 21.80 -12.63 3.32
C ALA A 50 21.54 -11.68 4.49
N GLU A 51 22.47 -10.75 4.70
CA GLU A 51 22.37 -9.76 5.79
C GLU A 51 21.25 -8.77 5.53
N SER A 52 20.99 -8.47 4.26
CA SER A 52 19.93 -7.54 3.93
C SER A 52 18.58 -8.17 4.30
N ASN A 53 18.41 -9.45 3.99
CA ASN A 53 17.17 -10.16 4.32
C ASN A 53 17.06 -10.39 5.83
N ALA A 54 18.18 -10.57 6.51
CA ALA A 54 18.15 -10.78 7.96
C ALA A 54 17.61 -9.55 8.68
N VAL A 55 17.96 -8.37 8.18
CA VAL A 55 17.50 -7.11 8.76
C VAL A 55 16.02 -6.92 8.50
N LEU A 56 15.58 -7.21 7.28
CA LEU A 56 14.18 -7.06 6.94
C LEU A 56 13.33 -7.95 7.85
N GLN A 57 13.75 -9.20 8.05
CA GLN A 57 13.00 -10.15 8.91
C GLN A 57 13.04 -9.75 10.37
N TYR A 58 14.16 -9.19 10.80
CA TYR A 58 14.27 -8.70 12.17
C TYR A 58 13.22 -7.61 12.39
N GLN A 59 13.24 -6.58 11.53
CA GLN A 59 12.33 -5.43 11.64
C GLN A 59 10.86 -5.83 11.60
N ILE A 60 10.54 -6.86 10.84
CA ILE A 60 9.16 -7.35 10.78
C ILE A 60 8.78 -7.93 12.14
N ALA A 61 9.65 -8.78 12.68
CA ALA A 61 9.40 -9.39 13.99
C ALA A 61 9.22 -8.33 15.07
N VAL A 62 10.05 -7.29 15.02
CA VAL A 62 9.94 -6.19 15.98
C VAL A 62 8.57 -5.51 15.84
N THR A 63 8.14 -5.30 14.60
CA THR A 63 6.86 -4.66 14.36
C THR A 63 5.72 -5.54 14.88
N GLU A 64 5.79 -6.85 14.62
CA GLU A 64 4.75 -7.77 15.11
C GLU A 64 4.75 -7.79 16.63
N ALA A 65 5.95 -7.76 17.22
CA ALA A 65 6.11 -7.76 18.68
C ALA A 65 5.56 -6.50 19.33
N ALA A 66 5.30 -5.47 18.52
CA ALA A 66 4.74 -4.22 19.02
C ALA A 66 3.22 -4.34 19.23
N HIS A 67 2.60 -5.34 18.63
CA HIS A 67 1.16 -5.56 18.76
C HIS A 67 0.40 -4.27 18.57
N ASN A 68 0.62 -3.64 17.43
CA ASN A 68 -0.06 -2.41 17.08
C ASN A 68 -0.56 -2.63 15.66
N VAL A 69 -1.83 -2.98 15.55
CA VAL A 69 -2.45 -3.29 14.26
C VAL A 69 -2.14 -2.30 13.13
N VAL A 70 -2.30 -1.00 13.36
CA VAL A 70 -2.06 -0.06 12.26
C VAL A 70 -0.59 -0.04 11.81
N LEU A 71 0.35 -0.09 12.74
CA LEU A 71 1.78 -0.08 12.36
C LEU A 71 2.15 -1.26 11.49
N LEU A 72 1.66 -2.44 11.85
CA LEU A 72 1.95 -3.64 11.09
C LEU A 72 1.36 -3.50 9.70
N HIS A 73 0.16 -2.98 9.63
CA HIS A 73 -0.52 -2.75 8.35
C HIS A 73 0.27 -1.78 7.47
N LEU A 74 0.86 -0.76 8.08
CA LEU A 74 1.65 0.22 7.33
C LEU A 74 2.97 -0.39 6.85
N LEU A 75 3.54 -1.32 7.62
CA LEU A 75 4.78 -1.96 7.22
C LEU A 75 4.51 -2.84 6.01
N ARG A 76 3.49 -3.69 6.11
CA ARG A 76 3.12 -4.58 5.00
C ARG A 76 2.82 -3.79 3.77
N CYS A 77 2.22 -2.64 3.96
CA CYS A 77 1.87 -1.77 2.86
C CYS A 77 3.09 -1.29 2.11
N GLU A 79 6.21 -2.71 2.57
CA GLU A 79 7.25 -3.78 2.61
C GLU A 79 8.15 -3.89 1.37
N PRO A 80 7.57 -3.85 0.16
CA PRO A 80 8.44 -3.95 -1.01
C PRO A 80 9.43 -2.78 -1.12
N LEU A 82 10.43 -0.96 1.39
CA LEU A 82 11.30 -1.09 2.56
C LEU A 82 12.42 -2.07 2.27
N ALA A 83 12.06 -3.24 1.75
CA ALA A 83 13.04 -4.28 1.41
C ALA A 83 14.07 -3.74 0.41
N GLN A 84 13.61 -2.91 -0.52
CA GLN A 84 14.48 -2.31 -1.53
C GLN A 84 15.41 -1.28 -0.89
N ASN A 85 14.86 -0.49 0.02
CA ASN A 85 15.64 0.55 0.73
C ASN A 85 16.79 -0.09 1.53
N VAL A 86 16.48 -1.13 2.30
CA VAL A 86 17.51 -1.83 3.09
C VAL A 86 18.58 -2.43 2.15
N ARG A 87 18.16 -3.08 1.08
CA ARG A 87 19.10 -3.65 0.10
C ARG A 87 20.00 -2.55 -0.47
N GLN A 88 19.43 -1.41 -0.87
CA GLN A 88 20.23 -0.29 -1.38
C GLN A 88 21.21 0.27 -0.33
N ASN A 89 20.73 0.44 0.90
CA ASN A 89 21.58 0.93 1.97
C ASN A 89 22.79 0.01 2.13
N PHE A 90 22.54 -1.30 2.18
CA PHE A 90 23.65 -2.26 2.31
C PHE A 90 24.60 -2.32 1.13
N GLU A 91 24.14 -1.92 -0.07
CA GLU A 91 25.04 -1.90 -1.22
C GLU A 91 26.04 -0.78 -0.98
N LEU A 92 25.57 0.34 -0.43
CA LEU A 92 26.44 1.47 -0.13
C LEU A 92 27.31 1.22 1.11
N LEU A 93 26.81 0.43 2.06
CA LEU A 93 27.59 0.11 3.27
C LEU A 93 28.68 -0.90 2.94
N TYR A 94 28.38 -1.86 2.08
CA TYR A 94 29.38 -2.86 1.64
C TYR A 94 30.51 -2.22 0.81
N SER A 95 30.30 -0.97 0.41
CA SER A 95 31.32 -0.22 -0.31
C SER A 95 32.33 0.26 0.75
N ARG A 96 31.85 0.66 1.92
CA ARG A 96 32.67 1.09 3.06
C ARG A 96 32.52 0.09 4.20
N ARG A 97 33.09 -1.10 4.05
CA ARG A 97 32.97 -2.15 5.08
C ARG A 97 33.31 -1.76 6.52
N GLU A 98 34.11 -0.72 6.71
CA GLU A 98 34.47 -0.31 8.08
C GLU A 98 33.26 0.27 8.86
N LEU A 100 29.98 -1.02 8.63
CA LEU A 100 29.09 -2.14 9.04
C LEU A 100 29.03 -2.41 10.56
N PRO A 101 30.19 -2.56 11.24
CA PRO A 101 30.17 -2.79 12.69
C PRO A 101 29.49 -1.65 13.46
N LEU A 102 29.75 -0.41 13.05
CA LEU A 102 29.15 0.77 13.69
C LEU A 102 27.64 0.84 13.50
N VAL A 103 27.15 0.34 12.36
CA VAL A 103 25.72 0.33 12.09
C VAL A 103 25.09 -0.74 12.97
N SER A 104 25.65 -1.96 12.93
CA SER A 104 25.14 -3.05 13.76
C SER A 104 25.18 -2.64 15.22
N SER A 105 26.20 -1.89 15.59
CA SER A 105 26.34 -1.39 16.96
C SER A 105 25.10 -0.56 17.35
N HIS A 106 24.75 0.41 16.50
CA HIS A 106 23.57 1.25 16.74
C HIS A 106 22.29 0.44 16.80
N ARG A 107 22.16 -0.50 15.89
CA ARG A 107 20.96 -1.34 15.84
C ARG A 107 20.89 -2.22 17.10
N THR A 108 22.04 -2.63 17.64
CA THR A 108 22.07 -3.46 18.85
C THR A 108 21.61 -2.66 20.09
N ARG A 109 21.82 -1.34 20.11
CA ARG A 109 21.33 -0.54 21.25
C ARG A 109 19.80 -0.54 21.27
N ILE A 110 19.17 -0.69 20.09
CA ILE A 110 17.70 -0.74 19.99
C ILE A 110 17.30 -2.10 20.55
N PHE A 111 17.85 -3.16 19.99
CA PHE A 111 17.56 -4.53 20.44
C PHE A 111 17.67 -4.65 21.96
N GLU A 112 18.82 -4.27 22.51
CA GLU A 112 19.05 -4.35 23.96
C GLU A 112 17.99 -3.57 24.77
N ALA A 113 17.59 -2.41 24.26
CA ALA A 113 16.55 -1.60 24.93
C ALA A 113 15.18 -2.28 24.87
N ILE A 114 14.93 -3.05 23.82
CA ILE A 114 13.67 -3.77 23.67
C ILE A 114 13.64 -4.95 24.65
N ALA A 116 15.29 -5.23 27.30
CA ALA A 116 15.23 -4.64 28.64
C ALA A 116 13.90 -3.95 29.00
N GLY A 117 13.01 -3.80 28.01
CA GLY A 117 11.72 -3.17 28.25
C GLY A 117 11.77 -1.68 28.55
N LYS A 118 12.68 -0.96 27.90
CA LYS A 118 12.83 0.50 28.06
C LYS A 118 12.35 1.16 26.76
N PRO A 119 11.09 1.60 26.70
CA PRO A 119 10.57 2.23 25.47
C PRO A 119 11.24 3.53 25.00
N GLU A 120 11.38 4.51 25.88
CA GLU A 120 12.01 5.78 25.58
C GLU A 120 13.38 5.58 24.89
N GLU A 121 14.19 4.71 25.51
CA GLU A 121 15.54 4.42 25.02
C GLU A 121 15.51 3.72 23.67
N ALA A 122 14.57 2.79 23.53
CA ALA A 122 14.42 2.04 22.28
C ALA A 122 14.09 2.99 21.14
N ARG A 123 13.15 3.91 21.37
CA ARG A 123 12.79 4.87 20.33
C ARG A 123 13.94 5.79 19.97
N GLU A 124 14.61 6.33 20.99
CA GLU A 124 15.73 7.22 20.75
C GLU A 124 16.84 6.48 20.02
N ALA A 125 17.04 5.20 20.36
CA ALA A 125 18.07 4.38 19.71
C ALA A 125 17.80 4.20 18.21
N SER A 126 16.53 4.01 17.86
CA SER A 126 16.12 3.85 16.47
C SER A 126 16.36 5.13 15.70
N HIS A 127 16.03 6.28 16.30
CA HIS A 127 16.23 7.56 15.62
C HIS A 127 17.74 7.68 15.29
N ARG A 128 18.59 7.45 16.28
CA ARG A 128 20.04 7.55 16.08
C ARG A 128 20.58 6.53 15.10
N HIS A 129 19.97 5.37 15.08
CA HIS A 129 20.40 4.32 14.16
C HIS A 129 20.18 4.72 12.69
N LEU A 130 18.98 5.19 12.37
CA LEU A 130 18.64 5.62 11.01
C LEU A 130 19.29 6.97 10.68
N ALA A 131 19.37 7.84 11.67
CA ALA A 131 20.01 9.14 11.48
C ALA A 131 21.47 8.93 11.05
N PHE A 132 22.11 7.95 11.66
CA PHE A 132 23.50 7.59 11.38
C PHE A 132 23.65 7.03 9.96
N ILE A 133 22.64 6.33 9.48
CA ILE A 133 22.66 5.78 8.12
C ILE A 133 22.49 6.92 7.11
N GLU A 134 21.57 7.84 7.39
CA GLU A 134 21.36 9.01 6.53
C GLU A 134 22.69 9.78 6.38
N GLU A 135 23.44 9.90 7.48
CA GLU A 135 24.75 10.61 7.47
C GLU A 135 25.77 9.91 6.58
N ILE A 136 25.81 8.59 6.61
CA ILE A 136 26.74 7.82 5.77
C ILE A 136 26.38 7.97 4.30
N LEU A 137 25.08 8.01 4.01
CA LEU A 137 24.62 8.20 2.63
C LEU A 137 25.02 9.57 2.10
N LEU A 138 24.83 10.61 2.93
CA LEU A 138 25.19 11.97 2.53
C LEU A 138 26.71 12.14 2.31
N ASP A 139 27.53 11.40 3.06
CA ASP A 139 29.00 11.48 2.89
C ASP A 139 29.46 10.86 1.58
N ARG A 140 28.68 9.91 1.04
CA ARG A 140 29.00 9.30 -0.24
C ARG A 140 28.76 10.33 -1.31
N SER A 141 27.60 10.97 -1.20
CA SER A 141 27.20 12.03 -2.12
C SER A 141 28.17 13.21 -2.10
N ARG A 142 28.58 13.61 -0.90
CA ARG A 142 29.50 14.73 -0.73
C ARG A 142 30.91 14.45 -1.27
N GLU A 143 31.43 13.24 -1.04
CA GLU A 143 32.79 12.91 -1.49
C GLU A 143 32.85 12.64 -3.00
N GLU A 144 31.76 12.13 -3.56
CA GLU A 144 31.69 11.86 -5.01
C GLU A 144 31.49 13.21 -5.74
N SER A 145 30.95 14.20 -5.02
CA SER A 145 30.75 15.55 -5.56
C SER A 145 32.08 16.25 -5.53
N ARG A 146 32.85 16.07 -4.45
CA ARG A 146 34.19 16.67 -4.39
C ARG A 146 35.05 16.03 -5.41
N ARG A 147 34.94 14.70 -5.53
CA ARG A 147 35.71 13.94 -6.51
C ARG A 147 35.69 14.70 -7.84
N GLU A 148 34.51 14.80 -8.47
CA GLU A 148 34.35 15.51 -9.74
C GLU A 148 34.79 16.98 -9.67
N ARG A 149 34.32 17.70 -8.65
CA ARG A 149 34.66 19.12 -8.48
C ARG A 149 36.15 19.37 -8.33
N SER A 150 36.83 18.54 -7.56
CA SER A 150 38.27 18.69 -7.32
C SER A 150 39.13 18.28 -8.53
N LEU A 151 38.84 17.12 -9.13
CA LEU A 151 39.61 16.65 -10.29
C LEU A 151 39.36 17.49 -11.56
N ARG A 152 38.34 18.36 -11.52
CA ARG A 152 38.00 19.22 -12.65
C ARG A 152 38.59 20.62 -12.44
N ARG A 153 38.69 21.02 -11.18
CA ARG A 153 39.22 22.33 -10.75
C ARG A 153 40.74 22.48 -10.91
N LEU A 154 41.47 21.36 -11.04
CA LEU A 154 42.94 21.36 -11.17
C LEU A 154 43.57 22.07 -12.41
N GLU A 155 42.74 22.49 -13.38
CA GLU A 155 43.22 23.19 -14.59
C GLU A 155 42.06 23.83 -15.37
N SER B 1 -5.87 0.14 18.85
CA SER B 1 -7.04 0.90 19.33
C SER B 1 -7.09 2.33 18.72
N ASN B 2 -7.97 3.14 19.28
CA ASN B 2 -8.16 4.54 18.88
C ASN B 2 -6.92 5.33 19.37
N ALA B 3 -6.24 4.80 20.40
CA ALA B 3 -5.06 5.43 20.98
C ALA B 3 -3.83 5.25 20.10
N ASP B 4 -3.56 3.99 19.74
CA ASP B 4 -2.40 3.65 18.90
C ASP B 4 -2.44 4.37 17.56
N LEU B 5 -3.65 4.54 17.04
CA LEU B 5 -3.84 5.21 15.77
C LEU B 5 -3.46 6.69 15.83
N LEU B 6 -3.79 7.35 16.93
CA LEU B 6 -3.44 8.76 17.10
C LEU B 6 -1.94 8.97 17.08
N GLU B 7 -1.21 8.09 17.76
CA GLU B 7 0.25 8.20 17.78
C GLU B 7 0.82 8.04 16.41
N THR B 8 0.14 7.24 15.59
CA THR B 8 0.59 7.02 14.22
C THR B 8 0.29 8.26 13.38
N ARG B 9 -0.89 8.84 13.53
CA ARG B 9 -1.21 10.05 12.76
C ARG B 9 -0.29 11.15 13.22
N HIS B 10 -0.01 11.19 14.53
CA HIS B 10 0.85 12.21 15.10
C HIS B 10 2.12 12.29 14.25
N ALA B 11 2.73 11.13 14.05
CA ALA B 11 3.96 11.03 13.28
C ALA B 11 3.75 11.43 11.82
N LEU B 12 2.90 10.68 11.13
CA LEU B 12 2.64 10.89 9.72
C LEU B 12 2.00 12.23 9.27
N GLU B 13 1.16 12.82 10.11
CA GLU B 13 0.51 14.07 9.74
C GLU B 13 1.45 15.23 9.94
N GLY B 14 2.43 15.05 10.81
CA GLY B 14 3.43 16.08 11.03
C GLY B 14 4.25 16.25 9.76
N ILE B 15 4.80 15.14 9.29
CA ILE B 15 5.62 15.14 8.08
C ILE B 15 4.78 15.58 6.87
N ALA B 16 3.49 15.25 6.87
CA ALA B 16 2.62 15.61 5.77
C ALA B 16 2.53 17.12 5.68
N ALA B 17 2.28 17.73 6.83
CA ALA B 17 2.15 19.18 6.92
C ALA B 17 3.45 19.86 6.59
N TYR B 18 4.57 19.24 6.97
CA TYR B 18 5.88 19.81 6.68
C TYR B 18 6.09 19.98 5.19
N TYR B 19 5.99 18.88 4.45
CA TYR B 19 6.20 18.92 3.01
C TYR B 19 5.12 19.69 2.29
N ALA B 20 3.90 19.68 2.81
CA ALA B 20 2.83 20.43 2.18
C ALA B 20 3.21 21.90 2.16
N ALA B 21 3.76 22.37 3.28
CA ALA B 21 4.18 23.76 3.39
C ALA B 21 5.26 24.11 2.38
N LEU B 22 6.18 23.18 2.21
CA LEU B 22 7.33 23.34 1.32
C LEU B 22 7.07 23.13 -0.17
N ARG B 23 6.23 22.15 -0.51
CA ARG B 23 5.96 21.78 -1.89
C ARG B 23 4.61 22.14 -2.51
N SER B 24 3.67 22.65 -1.72
CA SER B 24 2.35 22.99 -2.28
C SER B 24 2.44 24.06 -3.37
N THR B 25 1.72 23.82 -4.47
CA THR B 25 1.65 24.75 -5.59
C THR B 25 0.61 25.81 -5.22
N ASP B 26 0.27 26.69 -6.16
CA ASP B 26 -0.76 27.71 -5.89
C ASP B 26 -2.15 27.07 -5.97
N GLU B 27 -2.33 26.12 -6.89
CA GLU B 27 -3.61 25.41 -7.02
C GLU B 27 -3.87 24.57 -5.78
N ASP B 28 -2.83 23.89 -5.28
CA ASP B 28 -2.95 23.08 -4.05
C ASP B 28 -3.43 23.95 -2.91
N LYS B 29 -2.68 25.01 -2.64
CA LYS B 29 -3.03 25.94 -1.56
C LYS B 29 -4.48 26.45 -1.65
N GLU B 30 -4.97 26.63 -2.88
CA GLU B 30 -6.34 27.11 -3.07
C GLU B 30 -7.36 26.01 -2.79
N ARG B 31 -7.11 24.80 -3.30
CA ARG B 31 -8.01 23.67 -3.07
C ARG B 31 -8.09 23.36 -1.58
N ILE B 32 -6.98 23.60 -0.87
CA ILE B 32 -6.92 23.36 0.58
C ILE B 32 -7.71 24.42 1.33
N ARG B 33 -7.69 25.66 0.82
CA ARG B 33 -8.41 26.76 1.45
C ARG B 33 -9.90 26.52 1.44
N GLU B 34 -10.40 25.98 0.34
CA GLU B 34 -11.83 25.70 0.21
C GLU B 34 -12.22 24.58 1.16
N LEU B 35 -11.36 23.55 1.26
CA LEU B 35 -11.64 22.42 2.16
C LEU B 35 -11.54 22.80 3.64
N HIS B 36 -10.65 23.73 3.97
CA HIS B 36 -10.52 24.21 5.35
C HIS B 36 -11.77 24.99 5.73
N HIS B 37 -12.22 25.87 4.83
CA HIS B 37 -13.41 26.66 5.08
C HIS B 37 -14.66 25.77 5.17
N ALA B 38 -14.66 24.66 4.43
CA ALA B 38 -15.78 23.71 4.46
C ALA B 38 -15.97 23.11 5.87
N ILE B 39 -14.88 23.00 6.62
CA ILE B 39 -14.91 22.46 7.99
C ILE B 39 -15.65 23.42 8.90
N GLU B 40 -15.38 24.71 8.71
CA GLU B 40 -16.03 25.75 9.51
C GLU B 40 -17.55 25.74 9.29
N LEU B 41 -17.97 25.61 8.03
CA LEU B 41 -19.41 25.61 7.71
C LEU B 41 -20.11 24.38 8.29
N ALA B 42 -19.44 23.23 8.25
CA ALA B 42 -20.00 22.00 8.81
C ALA B 42 -20.08 22.09 10.34
N GLN B 43 -19.11 22.77 10.96
CA GLN B 43 -19.10 22.93 12.42
C GLN B 43 -20.24 23.86 12.86
N GLN B 44 -20.42 24.98 12.16
CA GLN B 44 -21.48 25.94 12.49
C GLN B 44 -22.88 25.37 12.24
N SER B 45 -23.03 24.44 11.30
CA SER B 45 -24.35 23.84 11.07
C SER B 45 -24.62 22.77 12.15
N GLY B 46 -23.58 22.44 12.92
CA GLY B 46 -23.68 21.46 14.00
C GLY B 46 -23.85 20.02 13.55
N ASP B 47 -23.49 19.74 12.30
CA ASP B 47 -23.62 18.39 11.74
C ASP B 47 -22.30 17.64 11.90
N LEU B 48 -22.27 16.65 12.81
CA LEU B 48 -21.08 15.84 13.10
C LEU B 48 -20.56 15.07 11.88
N ASP B 49 -21.44 14.32 11.22
CA ASP B 49 -21.04 13.53 10.05
C ASP B 49 -20.52 14.41 8.89
N ALA B 50 -21.01 15.63 8.77
CA ALA B 50 -20.56 16.55 7.71
C ALA B 50 -19.16 17.06 8.01
N GLU B 51 -18.95 17.47 9.26
CA GLU B 51 -17.64 17.99 9.72
C GLU B 51 -16.60 16.90 9.76
N SER B 52 -17.02 15.68 10.05
CA SER B 52 -16.07 14.57 10.09
C SER B 52 -15.54 14.32 8.69
N ASN B 53 -16.42 14.33 7.68
CA ASN B 53 -16.00 14.14 6.30
C ASN B 53 -15.20 15.32 5.78
N ALA B 54 -15.51 16.53 6.25
CA ALA B 54 -14.78 17.72 5.81
C ALA B 54 -13.30 17.64 6.23
N VAL B 55 -13.07 17.12 7.43
CA VAL B 55 -11.72 16.97 7.97
C VAL B 55 -10.95 15.91 7.20
N LEU B 56 -11.61 14.79 6.93
CA LEU B 56 -10.96 13.71 6.21
C LEU B 56 -10.50 14.20 4.85
N GLN B 57 -11.37 14.93 4.15
CA GLN B 57 -11.04 15.47 2.80
C GLN B 57 -9.96 16.52 2.86
N TYR B 58 -9.98 17.32 3.90
CA TYR B 58 -8.93 18.33 4.09
C TYR B 58 -7.58 17.62 4.20
N GLN B 59 -7.47 16.68 5.14
CA GLN B 59 -6.22 15.96 5.41
C GLN B 59 -5.69 15.23 4.16
N ILE B 60 -6.59 14.73 3.32
CA ILE B 60 -6.17 14.06 2.10
C ILE B 60 -5.52 15.08 1.18
N ALA B 61 -6.20 16.22 0.99
CA ALA B 61 -5.66 17.29 0.13
C ALA B 61 -4.30 17.76 0.62
N VAL B 62 -4.14 17.87 1.92
CA VAL B 62 -2.86 18.27 2.50
C VAL B 62 -1.79 17.24 2.16
N THR B 63 -2.14 15.96 2.28
CA THR B 63 -1.20 14.90 1.98
C THR B 63 -0.82 14.93 0.49
N GLU B 64 -1.80 15.12 -0.38
CA GLU B 64 -1.51 15.19 -1.83
C GLU B 64 -0.64 16.40 -2.14
N ALA B 65 -0.93 17.51 -1.46
CA ALA B 65 -0.17 18.76 -1.63
C ALA B 65 1.27 18.62 -1.17
N ALA B 66 1.57 17.58 -0.40
CA ALA B 66 2.92 17.31 0.08
C ALA B 66 3.79 16.68 -1.01
N HIS B 67 3.17 16.12 -2.05
CA HIS B 67 3.90 15.49 -3.14
C HIS B 67 4.97 14.57 -2.61
N ASN B 68 4.56 13.62 -1.78
CA ASN B 68 5.45 12.66 -1.19
C ASN B 68 4.79 11.31 -1.40
N VAL B 69 5.24 10.61 -2.43
CA VAL B 69 4.67 9.31 -2.78
C VAL B 69 4.45 8.33 -1.63
N VAL B 70 5.44 8.11 -0.77
CA VAL B 70 5.24 7.15 0.32
C VAL B 70 4.15 7.59 1.30
N LEU B 71 4.12 8.86 1.67
CA LEU B 71 3.09 9.34 2.60
C LEU B 71 1.68 9.13 2.09
N LEU B 72 1.47 9.43 0.82
CA LEU B 72 0.17 9.29 0.22
C LEU B 72 -0.22 7.83 0.21
N HIS B 73 0.75 6.98 -0.11
CA HIS B 73 0.53 5.52 -0.14
C HIS B 73 0.14 5.01 1.25
N LEU B 74 0.76 5.55 2.29
CA LEU B 74 0.45 5.14 3.66
C LEU B 74 -0.93 5.62 4.09
N LEU B 75 -1.35 6.79 3.60
CA LEU B 75 -2.67 7.33 3.95
C LEU B 75 -3.73 6.44 3.33
N ARG B 76 -3.60 6.17 2.03
CA ARG B 76 -4.56 5.32 1.32
C ARG B 76 -4.63 3.97 1.96
N CYS B 77 -3.49 3.49 2.43
CA CYS B 77 -3.42 2.20 3.07
C CYS B 77 -4.24 2.14 4.33
N GLU B 79 -6.58 4.58 5.14
CA GLU B 79 -7.76 5.45 4.98
C GLU B 79 -9.02 5.00 5.71
N PRO B 80 -9.38 3.71 5.62
CA PRO B 80 -10.58 3.28 6.32
C PRO B 80 -10.50 3.47 7.84
N LEU B 82 -8.46 5.54 9.34
CA LEU B 82 -8.30 6.99 9.55
C LEU B 82 -9.69 7.64 9.59
N ALA B 83 -10.51 7.34 8.59
CA ALA B 83 -11.86 7.88 8.52
C ALA B 83 -12.67 7.53 9.78
N GLN B 84 -12.45 6.31 10.28
CA GLN B 84 -13.13 5.84 11.48
C GLN B 84 -12.62 6.58 12.72
N ASN B 85 -11.31 6.80 12.78
CA ASN B 85 -10.68 7.50 13.90
C ASN B 85 -11.21 8.92 14.02
N VAL B 86 -11.23 9.66 12.90
CA VAL B 86 -11.75 11.02 12.90
C VAL B 86 -13.22 11.04 13.33
N ARG B 87 -14.03 10.14 12.78
CA ARG B 87 -15.45 10.06 13.14
C ARG B 87 -15.58 9.80 14.65
N GLN B 88 -14.82 8.86 15.20
CA GLN B 88 -14.88 8.58 16.64
C GLN B 88 -14.41 9.76 17.48
N ASN B 89 -13.34 10.42 17.08
CA ASN B 89 -12.85 11.60 17.80
C ASN B 89 -13.96 12.63 17.88
N PHE B 90 -14.60 12.92 16.75
CA PHE B 90 -15.70 13.90 16.75
C PHE B 90 -16.92 13.47 17.55
N GLU B 91 -17.13 12.18 17.76
CA GLU B 91 -18.26 11.74 18.57
C GLU B 91 -17.96 12.14 20.01
N LEU B 92 -16.70 11.99 20.41
CA LEU B 92 -16.27 12.37 21.76
C LEU B 92 -16.17 13.89 21.93
N LEU B 93 -15.83 14.61 20.87
CA LEU B 93 -15.74 16.08 20.92
C LEU B 93 -17.13 16.69 20.96
N TYR B 94 -18.06 16.14 20.20
CA TYR B 94 -19.46 16.62 20.20
C TYR B 94 -20.16 16.39 21.56
N SER B 95 -19.52 15.58 22.41
CA SER B 95 -20.02 15.32 23.75
C SER B 95 -19.64 16.56 24.60
N ARG B 96 -18.44 17.11 24.38
CA ARG B 96 -18.00 18.34 25.06
C ARG B 96 -17.78 19.45 24.05
N ARG B 97 -18.90 19.99 23.59
CA ARG B 97 -18.90 21.05 22.57
C ARG B 97 -17.99 22.24 22.80
N GLU B 98 -17.63 22.51 24.06
CA GLU B 98 -16.76 23.68 24.32
C GLU B 98 -15.32 23.49 23.78
N LEU B 100 -14.57 21.89 20.72
CA LEU B 100 -14.58 22.05 19.24
C LEU B 100 -13.85 23.30 18.70
N PRO B 101 -14.16 24.50 19.23
CA PRO B 101 -13.48 25.70 18.76
C PRO B 101 -11.96 25.65 18.97
N LEU B 102 -11.54 25.12 20.12
CA LEU B 102 -10.12 24.98 20.45
C LEU B 102 -9.42 23.99 19.54
N VAL B 103 -10.13 22.96 19.09
CA VAL B 103 -9.54 21.95 18.18
C VAL B 103 -9.37 22.60 16.82
N SER B 104 -10.44 23.21 16.31
CA SER B 104 -10.39 23.89 15.02
C SER B 104 -9.31 24.96 15.04
N SER B 105 -9.16 25.61 16.20
CA SER B 105 -8.14 26.64 16.39
C SER B 105 -6.75 26.05 16.12
N HIS B 106 -6.44 24.92 16.78
CA HIS B 106 -5.15 24.24 16.59
C HIS B 106 -4.94 23.82 15.14
N ARG B 107 -5.98 23.27 14.53
CA ARG B 107 -5.89 22.83 13.14
C ARG B 107 -5.67 24.04 12.21
N THR B 108 -6.23 25.21 12.56
CA THR B 108 -6.08 26.41 11.73
C THR B 108 -4.63 26.93 11.78
N ARG B 109 -3.91 26.71 12.89
CA ARG B 109 -2.51 27.14 12.95
C ARG B 109 -1.65 26.34 11.97
N ILE B 110 -2.08 25.10 11.67
CA ILE B 110 -1.38 24.23 10.71
C ILE B 110 -1.66 24.82 9.34
N PHE B 111 -2.94 24.96 9.01
CA PHE B 111 -3.36 25.52 7.72
C PHE B 111 -2.63 26.83 7.41
N GLU B 112 -2.70 27.79 8.32
CA GLU B 112 -2.05 29.09 8.16
C GLU B 112 -0.54 28.95 7.90
N ALA B 113 0.10 28.02 8.60
CA ALA B 113 1.54 27.78 8.41
C ALA B 113 1.85 27.16 7.04
N ILE B 114 0.90 26.41 6.50
CA ILE B 114 1.05 25.79 5.18
C ILE B 114 0.91 26.85 4.10
N ALA B 116 1.37 29.94 4.44
CA ALA B 116 2.54 30.82 4.60
C ALA B 116 3.87 30.20 4.20
N GLY B 117 3.89 28.89 3.92
CA GLY B 117 5.11 28.21 3.52
C GLY B 117 6.18 28.08 4.60
N LYS B 118 5.74 27.87 5.85
CA LYS B 118 6.66 27.69 6.99
C LYS B 118 6.57 26.23 7.43
N PRO B 119 7.49 25.38 6.96
CA PRO B 119 7.44 23.95 7.30
C PRO B 119 7.61 23.58 8.78
N GLU B 120 8.65 24.09 9.43
CA GLU B 120 8.85 23.71 10.84
C GLU B 120 7.65 24.10 11.72
N GLU B 121 7.04 25.26 11.46
CA GLU B 121 5.85 25.70 12.21
C GLU B 121 4.65 24.81 11.93
N ALA B 122 4.50 24.42 10.67
CA ALA B 122 3.40 23.56 10.26
C ALA B 122 3.52 22.20 10.96
N ARG B 123 4.71 21.64 11.00
CA ARG B 123 4.91 20.36 11.66
C ARG B 123 4.66 20.45 13.16
N GLU B 124 5.21 21.49 13.79
CA GLU B 124 5.03 21.67 15.23
C GLU B 124 3.53 21.89 15.52
N ALA B 125 2.84 22.60 14.64
CA ALA B 125 1.40 22.87 14.82
C ALA B 125 0.59 21.56 14.80
N SER B 126 0.96 20.65 13.90
CA SER B 126 0.29 19.36 13.79
C SER B 126 0.51 18.53 15.05
N HIS B 127 1.73 18.54 15.57
CA HIS B 127 2.01 17.79 16.79
C HIS B 127 1.10 18.30 17.90
N ARG B 128 1.06 19.61 18.10
CA ARG B 128 0.22 20.18 19.15
C ARG B 128 -1.26 19.95 18.92
N HIS B 129 -1.66 19.92 17.67
CA HIS B 129 -3.06 19.67 17.34
C HIS B 129 -3.53 18.28 17.77
N LEU B 130 -2.76 17.27 17.39
CA LEU B 130 -3.08 15.88 17.72
C LEU B 130 -2.76 15.56 19.17
N ALA B 131 -1.71 16.16 19.70
CA ALA B 131 -1.34 15.97 21.11
C ALA B 131 -2.50 16.44 21.99
N PHE B 132 -3.12 17.55 21.57
CA PHE B 132 -4.26 18.13 22.30
C PHE B 132 -5.48 17.22 22.23
N ILE B 133 -5.65 16.50 21.12
CA ILE B 133 -6.76 15.58 20.97
C ILE B 133 -6.51 14.35 21.84
N GLU B 134 -5.28 13.84 21.85
CA GLU B 134 -4.91 12.69 22.67
C GLU B 134 -5.22 13.00 24.13
N GLU B 135 -4.95 14.24 24.57
CA GLU B 135 -5.20 14.66 25.96
C GLU B 135 -6.70 14.61 26.30
N ILE B 136 -7.55 15.05 25.37
CA ILE B 136 -9.00 15.03 25.58
C ILE B 136 -9.52 13.59 25.64
N LEU B 137 -8.94 12.71 24.83
CA LEU B 137 -9.31 11.30 24.81
C LEU B 137 -8.94 10.63 26.13
N LEU B 138 -7.75 10.91 26.64
CA LEU B 138 -7.30 10.31 27.91
C LEU B 138 -8.14 10.79 29.10
N ASP B 139 -8.65 12.02 29.04
CA ASP B 139 -9.51 12.54 30.13
C ASP B 139 -10.89 11.86 30.16
N ARG B 140 -11.32 11.32 29.03
CA ARG B 140 -12.63 10.69 28.91
C ARG B 140 -12.74 9.46 29.81
N SER B 141 -11.77 8.54 29.78
CA SER B 141 -11.82 7.35 30.66
C SER B 141 -10.45 7.07 31.28
N SER C 1 -13.65 3.41 -4.41
CA SER C 1 -15.01 2.85 -4.73
C SER C 1 -15.15 1.40 -4.25
N ASN C 2 -16.34 1.04 -3.73
CA ASN C 2 -16.62 -0.32 -3.29
C ASN C 2 -16.77 -1.20 -4.54
N ALA C 3 -17.09 -0.56 -5.67
CA ALA C 3 -17.27 -1.26 -6.94
C ALA C 3 -15.94 -1.65 -7.56
N ASP C 4 -15.04 -0.68 -7.69
CA ASP C 4 -13.71 -0.91 -8.26
C ASP C 4 -12.93 -1.94 -7.50
N LEU C 5 -13.11 -1.97 -6.20
CA LEU C 5 -12.43 -2.93 -5.33
C LEU C 5 -12.86 -4.36 -5.63
N LEU C 6 -14.16 -4.56 -5.86
CA LEU C 6 -14.66 -5.90 -6.16
C LEU C 6 -14.05 -6.45 -7.43
N GLU C 7 -13.94 -5.61 -8.45
CA GLU C 7 -13.38 -6.04 -9.72
C GLU C 7 -11.94 -6.43 -9.54
N THR C 8 -11.26 -5.78 -8.60
CA THR C 8 -9.86 -6.08 -8.32
C THR C 8 -9.76 -7.38 -7.56
N ARG C 9 -10.62 -7.61 -6.56
CA ARG C 9 -10.57 -8.89 -5.84
C ARG C 9 -10.95 -10.01 -6.79
N HIS C 10 -11.91 -9.72 -7.67
CA HIS C 10 -12.34 -10.70 -8.66
C HIS C 10 -11.12 -11.28 -9.36
N ALA C 11 -10.28 -10.39 -9.84
CA ALA C 11 -9.05 -10.74 -10.54
C ALA C 11 -8.07 -11.47 -9.64
N LEU C 12 -7.64 -10.81 -8.58
CA LEU C 12 -6.67 -11.37 -7.65
C LEU C 12 -7.07 -12.62 -6.85
N GLU C 13 -8.34 -12.78 -6.52
CA GLU C 13 -8.76 -13.96 -5.76
C GLU C 13 -8.87 -15.17 -6.68
N GLY C 14 -9.08 -14.92 -7.96
CA GLY C 14 -9.15 -16.00 -8.92
C GLY C 14 -7.76 -16.64 -9.03
N ILE C 15 -6.77 -15.81 -9.29
CA ILE C 15 -5.41 -16.30 -9.42
C ILE C 15 -4.89 -16.88 -8.11
N ALA C 16 -5.39 -16.37 -6.98
CA ALA C 16 -4.98 -16.88 -5.68
C ALA C 16 -5.44 -18.32 -5.55
N ALA C 17 -6.71 -18.54 -5.88
CA ALA C 17 -7.31 -19.86 -5.82
C ALA C 17 -6.63 -20.82 -6.80
N TYR C 18 -6.24 -20.29 -7.96
CA TYR C 18 -5.59 -21.11 -8.98
C TYR C 18 -4.30 -21.71 -8.44
N TYR C 19 -3.38 -20.85 -8.01
CA TYR C 19 -2.11 -21.32 -7.49
C TYR C 19 -2.24 -22.10 -6.19
N ALA C 20 -3.23 -21.75 -5.38
CA ALA C 20 -3.44 -22.47 -4.12
C ALA C 20 -3.73 -23.92 -4.46
N ALA C 21 -4.55 -24.14 -5.48
CA ALA C 21 -4.90 -25.48 -5.91
C ALA C 21 -3.68 -26.28 -6.35
N LEU C 22 -2.80 -25.59 -7.07
CA LEU C 22 -1.57 -26.18 -7.62
C LEU C 22 -0.41 -26.37 -6.64
N ARG C 23 -0.22 -25.39 -5.76
CA ARG C 23 0.94 -25.39 -4.84
C ARG C 23 0.69 -25.68 -3.36
N SER C 24 -0.56 -25.77 -2.92
CA SER C 24 -0.81 -26.04 -1.50
C SER C 24 -0.23 -27.38 -1.03
N THR C 25 0.43 -27.33 0.12
CA THR C 25 1.03 -28.51 0.74
C THR C 25 -0.08 -29.24 1.48
N ASP C 26 0.25 -30.29 2.23
CA ASP C 26 -0.76 -31.02 3.01
C ASP C 26 -1.13 -30.21 4.24
N GLU C 27 -0.15 -29.54 4.86
CA GLU C 27 -0.40 -28.71 6.03
C GLU C 27 -1.29 -27.52 5.65
N ASP C 28 -1.01 -26.91 4.49
CA ASP C 28 -1.80 -25.77 4.00
C ASP C 28 -3.25 -26.21 3.85
N LYS C 29 -3.47 -27.26 3.06
CA LYS C 29 -4.82 -27.77 2.86
C LYS C 29 -5.58 -28.04 4.16
N GLU C 30 -4.87 -28.47 5.20
CA GLU C 30 -5.50 -28.76 6.48
C GLU C 30 -5.84 -27.47 7.22
N ARG C 31 -4.92 -26.52 7.26
CA ARG C 31 -5.14 -25.24 7.94
C ARG C 31 -6.30 -24.50 7.27
N ILE C 32 -6.46 -24.72 5.96
CA ILE C 32 -7.55 -24.10 5.20
C ILE C 32 -8.88 -24.76 5.53
N ARG C 33 -8.85 -26.07 5.75
CA ARG C 33 -10.07 -26.82 6.09
C ARG C 33 -10.64 -26.34 7.42
N GLU C 34 -9.78 -26.04 8.37
CA GLU C 34 -10.22 -25.58 9.68
C GLU C 34 -10.82 -24.17 9.55
N LEU C 35 -10.19 -23.32 8.73
CA LEU C 35 -10.69 -21.96 8.51
C LEU C 35 -12.00 -21.92 7.73
N HIS C 36 -12.17 -22.86 6.80
CA HIS C 36 -13.41 -22.95 6.03
C HIS C 36 -14.56 -23.37 6.95
N HIS C 37 -14.29 -24.37 7.79
CA HIS C 37 -15.28 -24.85 8.74
C HIS C 37 -15.63 -23.77 9.78
N ALA C 38 -14.65 -22.93 10.11
CA ALA C 38 -14.86 -21.83 11.07
C ALA C 38 -15.93 -20.84 10.57
N ILE C 39 -16.04 -20.71 9.24
CA ILE C 39 -17.02 -19.82 8.61
C ILE C 39 -18.42 -20.36 8.87
N GLU C 40 -18.57 -21.67 8.73
CA GLU C 40 -19.85 -22.32 8.95
C GLU C 40 -20.33 -22.13 10.39
N LEU C 41 -19.42 -22.29 11.35
CA LEU C 41 -19.78 -22.11 12.77
C LEU C 41 -20.20 -20.68 13.09
N ALA C 42 -19.50 -19.71 12.50
CA ALA C 42 -19.81 -18.30 12.70
C ALA C 42 -21.16 -17.96 12.05
N GLN C 43 -21.46 -18.59 10.92
CA GLN C 43 -22.74 -18.36 10.23
C GLN C 43 -23.91 -18.92 11.03
N GLN C 44 -23.76 -20.14 11.55
CA GLN C 44 -24.81 -20.78 12.35
C GLN C 44 -25.04 -20.07 13.68
N SER C 45 -24.02 -19.42 14.25
CA SER C 45 -24.22 -18.71 15.51
C SER C 45 -24.90 -17.36 15.22
N GLY C 46 -24.99 -17.00 13.93
CA GLY C 46 -25.62 -15.76 13.49
C GLY C 46 -24.85 -14.50 13.85
N ASP C 47 -23.55 -14.63 14.12
CA ASP C 47 -22.72 -13.48 14.48
C ASP C 47 -22.03 -12.93 13.22
N LEU C 48 -22.47 -11.76 12.77
CA LEU C 48 -21.93 -11.08 11.57
C LEU C 48 -20.43 -10.79 11.66
N ASP C 49 -20.02 -10.11 12.72
CA ASP C 49 -18.60 -9.76 12.90
C ASP C 49 -17.68 -10.99 12.98
N ALA C 50 -18.20 -12.11 13.50
CA ALA C 50 -17.40 -13.33 13.62
C ALA C 50 -17.20 -13.97 12.25
N GLU C 51 -18.29 -14.05 11.48
CA GLU C 51 -18.27 -14.65 10.13
C GLU C 51 -17.49 -13.76 9.16
N SER C 52 -17.53 -12.46 9.38
CA SER C 52 -16.81 -11.56 8.49
C SER C 52 -15.30 -11.78 8.68
N ASN C 53 -14.87 -11.93 9.92
CA ASN C 53 -13.44 -12.18 10.21
C ASN C 53 -13.04 -13.58 9.79
N ALA C 54 -13.95 -14.54 9.86
CA ALA C 54 -13.64 -15.92 9.46
C ALA C 54 -13.31 -15.99 7.96
N VAL C 55 -14.04 -15.19 7.17
CA VAL C 55 -13.82 -15.13 5.72
C VAL C 55 -12.48 -14.47 5.41
N LEU C 56 -12.19 -13.38 6.10
CA LEU C 56 -10.95 -12.67 5.87
C LEU C 56 -9.77 -13.59 6.15
N GLN C 57 -9.81 -14.32 7.26
CA GLN C 57 -8.74 -15.26 7.64
C GLN C 57 -8.62 -16.43 6.68
N TYR C 58 -9.76 -16.89 6.18
CA TYR C 58 -9.77 -17.98 5.21
C TYR C 58 -9.01 -17.52 3.97
N GLN C 59 -9.43 -16.38 3.40
CA GLN C 59 -8.83 -15.83 2.18
C GLN C 59 -7.33 -15.59 2.31
N ILE C 60 -6.88 -15.19 3.49
CA ILE C 60 -5.45 -14.97 3.72
C ILE C 60 -4.74 -16.31 3.62
N ALA C 61 -5.25 -17.32 4.31
CA ALA C 61 -4.65 -18.66 4.28
C ALA C 61 -4.57 -19.20 2.86
N VAL C 62 -5.63 -18.98 2.08
CA VAL C 62 -5.65 -19.42 0.69
C VAL C 62 -4.53 -18.71 -0.09
N THR C 63 -4.38 -17.41 0.15
CA THR C 63 -3.36 -16.65 -0.54
C THR C 63 -1.95 -17.15 -0.14
N GLU C 64 -1.74 -17.41 1.15
CA GLU C 64 -0.44 -17.91 1.61
C GLU C 64 -0.18 -19.30 1.01
N ALA C 65 -1.22 -20.10 0.93
CA ALA C 65 -1.13 -21.45 0.37
C ALA C 65 -0.81 -21.45 -1.13
N ALA C 66 -0.96 -20.28 -1.76
CA ALA C 66 -0.66 -20.13 -3.18
C ALA C 66 0.86 -19.98 -3.41
N HIS C 67 1.60 -19.63 -2.35
CA HIS C 67 3.05 -19.46 -2.46
C HIS C 67 3.41 -18.63 -3.66
N ASN C 68 2.85 -17.44 -3.72
CA ASN C 68 3.10 -16.51 -4.80
C ASN C 68 3.39 -15.18 -4.12
N VAL C 69 4.68 -14.87 -4.02
CA VAL C 69 5.13 -13.67 -3.35
C VAL C 69 4.38 -12.38 -3.70
N VAL C 70 4.19 -12.09 -4.99
CA VAL C 70 3.51 -10.84 -5.34
C VAL C 70 2.05 -10.81 -4.88
N LEU C 71 1.32 -11.91 -5.03
CA LEU C 71 -0.07 -11.94 -4.59
C LEU C 71 -0.24 -11.63 -3.13
N LEU C 72 0.61 -12.26 -2.31
CA LEU C 72 0.53 -12.07 -0.87
C LEU C 72 0.81 -10.62 -0.55
N HIS C 73 1.81 -10.06 -1.22
CA HIS C 73 2.18 -8.66 -1.03
C HIS C 73 1.02 -7.72 -1.39
N LEU C 74 0.29 -8.05 -2.45
CA LEU C 74 -0.84 -7.24 -2.87
C LEU C 74 -2.01 -7.34 -1.91
N LEU C 75 -2.18 -8.52 -1.29
CA LEU C 75 -3.27 -8.69 -0.33
C LEU C 75 -2.98 -7.86 0.89
N ARG C 76 -1.78 -7.99 1.44
CA ARG C 76 -1.40 -7.22 2.63
C ARG C 76 -1.51 -5.75 2.36
N CYS C 77 -1.18 -5.37 1.14
CA CYS C 77 -1.25 -3.97 0.74
C CYS C 77 -2.65 -3.43 0.82
N GLU C 79 -5.21 -5.12 2.43
CA GLU C 79 -5.94 -5.78 3.55
C GLU C 79 -6.97 -4.92 4.27
N PRO C 80 -6.63 -3.67 4.63
CA PRO C 80 -7.63 -2.85 5.31
C PRO C 80 -8.89 -2.60 4.48
N LEU C 82 -9.87 -4.49 2.00
CA LEU C 82 -10.46 -5.81 1.79
C LEU C 82 -11.34 -6.18 2.98
N ALA C 83 -10.79 -6.05 4.17
CA ALA C 83 -11.52 -6.35 5.41
C ALA C 83 -12.80 -5.51 5.50
N GLN C 84 -12.72 -4.26 5.05
CA GLN C 84 -13.87 -3.36 5.06
C GLN C 84 -14.91 -3.81 4.05
N ASN C 85 -14.45 -4.22 2.86
CA ASN C 85 -15.34 -4.68 1.79
C ASN C 85 -16.13 -5.91 2.24
N VAL C 86 -15.45 -6.91 2.81
CA VAL C 86 -16.10 -8.13 3.29
C VAL C 86 -17.13 -7.78 4.38
N ARG C 87 -16.75 -6.93 5.33
CA ARG C 87 -17.65 -6.52 6.41
C ARG C 87 -18.90 -5.84 5.80
N GLN C 88 -18.71 -4.92 4.85
CA GLN C 88 -19.86 -4.26 4.19
C GLN C 88 -20.74 -5.25 3.42
N ASN C 89 -20.12 -6.17 2.68
CA ASN C 89 -20.87 -7.18 1.94
C ASN C 89 -21.77 -7.95 2.92
N PHE C 90 -21.20 -8.41 4.04
CA PHE C 90 -21.98 -9.14 5.03
C PHE C 90 -23.07 -8.33 5.72
N GLU C 91 -22.93 -7.01 5.76
CA GLU C 91 -23.99 -6.18 6.35
C GLU C 91 -25.19 -6.25 5.42
N LEU C 92 -24.93 -6.23 4.12
CA LEU C 92 -25.99 -6.32 3.12
C LEU C 92 -26.55 -7.74 2.99
N LEU C 93 -25.72 -8.76 3.24
CA LEU C 93 -26.17 -10.16 3.18
C LEU C 93 -27.02 -10.49 4.39
N TYR C 94 -26.63 -9.98 5.57
CA TYR C 94 -27.41 -10.19 6.80
C TYR C 94 -28.78 -9.51 6.76
N SER C 95 -28.96 -8.64 5.77
CA SER C 95 -30.23 -7.98 5.54
C SER C 95 -31.16 -9.01 4.87
N ARG C 96 -30.60 -9.81 3.95
CA ARG C 96 -31.33 -10.90 3.26
C ARG C 96 -30.73 -12.24 3.66
N ARG C 97 -30.99 -12.67 4.89
CA ARG C 97 -30.43 -13.93 5.41
C ARG C 97 -30.59 -15.18 4.54
N GLU C 98 -31.59 -15.20 3.66
CA GLU C 98 -31.80 -16.36 2.79
C GLU C 98 -30.67 -16.55 1.73
N LEU C 100 -27.25 -16.02 2.43
CA LEU C 100 -26.06 -16.59 3.08
C LEU C 100 -25.69 -18.03 2.68
N PRO C 101 -26.65 -18.97 2.73
CA PRO C 101 -26.34 -20.35 2.34
C PRO C 101 -25.85 -20.46 0.88
N LEU C 102 -26.48 -19.69 -0.02
CA LEU C 102 -26.09 -19.69 -1.44
C LEU C 102 -24.70 -19.11 -1.66
N VAL C 103 -24.29 -18.15 -0.82
CA VAL C 103 -22.98 -17.55 -0.93
C VAL C 103 -21.96 -18.56 -0.43
N SER C 104 -22.19 -19.13 0.75
CA SER C 104 -21.28 -20.13 1.31
C SER C 104 -21.18 -21.30 0.35
N SER C 105 -22.29 -21.62 -0.32
CA SER C 105 -22.31 -22.69 -1.30
C SER C 105 -21.28 -22.42 -2.40
N HIS C 106 -21.33 -21.22 -2.99
CA HIS C 106 -20.36 -20.82 -4.02
C HIS C 106 -18.94 -20.85 -3.53
N ARG C 107 -18.73 -20.34 -2.33
CA ARG C 107 -17.39 -20.31 -1.74
C ARG C 107 -16.88 -21.74 -1.50
N THR C 108 -17.80 -22.66 -1.17
CA THR C 108 -17.42 -24.07 -0.94
C THR C 108 -16.97 -24.76 -2.24
N ARG C 109 -17.50 -24.34 -3.39
CA ARG C 109 -17.06 -24.94 -4.67
C ARG C 109 -15.59 -24.58 -4.93
N ILE C 110 -15.14 -23.42 -4.41
CA ILE C 110 -13.75 -22.99 -4.57
C ILE C 110 -12.92 -23.88 -3.66
N PHE C 111 -13.28 -23.91 -2.38
CA PHE C 111 -12.59 -24.75 -1.40
C PHE C 111 -12.40 -26.18 -1.89
N GLU C 112 -13.51 -26.83 -2.27
CA GLU C 112 -13.48 -28.21 -2.77
C GLU C 112 -12.52 -28.37 -3.96
N ALA C 113 -12.50 -27.38 -4.87
CA ALA C 113 -11.62 -27.43 -6.04
C ALA C 113 -10.13 -27.28 -5.65
N ILE C 114 -9.88 -26.56 -4.55
CA ILE C 114 -8.52 -26.36 -4.07
C ILE C 114 -8.03 -27.66 -3.42
N ALA C 116 -9.09 -30.55 -3.97
CA ALA C 116 -8.97 -31.54 -5.06
C ALA C 116 -7.81 -31.26 -6.05
N GLY C 117 -7.17 -30.11 -5.93
CA GLY C 117 -6.05 -29.76 -6.79
C GLY C 117 -6.41 -29.49 -8.25
N LYS C 118 -7.59 -28.89 -8.49
CA LYS C 118 -8.05 -28.53 -9.83
C LYS C 118 -7.99 -27.00 -9.96
N PRO C 119 -6.91 -26.47 -10.55
CA PRO C 119 -6.76 -25.02 -10.67
C PRO C 119 -7.80 -24.28 -11.52
N GLU C 120 -8.03 -24.73 -12.75
CA GLU C 120 -8.99 -24.05 -13.63
C GLU C 120 -10.39 -23.96 -12.98
N GLU C 121 -10.82 -25.04 -12.31
CA GLU C 121 -12.13 -25.06 -11.63
C GLU C 121 -12.15 -24.11 -10.46
N ALA C 122 -11.05 -24.07 -9.71
CA ALA C 122 -10.93 -23.21 -8.55
C ALA C 122 -11.03 -21.75 -8.98
N ARG C 123 -10.34 -21.39 -10.06
CA ARG C 123 -10.41 -20.01 -10.54
C ARG C 123 -11.78 -19.63 -11.04
N GLU C 124 -12.39 -20.52 -11.83
CA GLU C 124 -13.73 -20.26 -12.36
C GLU C 124 -14.73 -20.17 -11.19
N ALA C 125 -14.53 -20.99 -10.16
CA ALA C 125 -15.42 -20.96 -8.98
C ALA C 125 -15.36 -19.62 -8.26
N SER C 126 -14.16 -19.06 -8.15
CA SER C 126 -13.97 -17.77 -7.50
C SER C 126 -14.66 -16.67 -8.29
N HIS C 127 -14.53 -16.70 -9.61
CA HIS C 127 -15.18 -15.71 -10.45
C HIS C 127 -16.69 -15.74 -10.18
N ARG C 128 -17.29 -16.93 -10.25
CA ARG C 128 -18.72 -17.07 -10.02
C ARG C 128 -19.13 -16.70 -8.61
N HIS C 129 -18.26 -16.94 -7.66
CA HIS C 129 -18.57 -16.60 -6.27
C HIS C 129 -18.71 -15.09 -6.05
N LEU C 130 -17.74 -14.33 -6.55
CA LEU C 130 -17.74 -12.87 -6.43
C LEU C 130 -18.75 -12.23 -7.40
N ALA C 131 -18.89 -12.83 -8.58
CA ALA C 131 -19.85 -12.34 -9.55
C ALA C 131 -21.27 -12.40 -8.95
N PHE C 132 -21.52 -13.48 -8.22
CA PHE C 132 -22.80 -13.71 -7.55
C PHE C 132 -23.05 -12.68 -6.44
N ILE C 133 -21.99 -12.25 -5.78
CA ILE C 133 -22.10 -11.23 -4.72
C ILE C 133 -22.40 -9.88 -5.35
N GLU C 134 -21.71 -9.56 -6.46
CA GLU C 134 -21.95 -8.31 -7.17
C GLU C 134 -23.44 -8.22 -7.58
N GLU C 135 -24.00 -9.35 -8.02
CA GLU C 135 -25.42 -9.43 -8.43
C GLU C 135 -26.37 -9.13 -7.26
N ILE C 136 -26.07 -9.66 -6.08
CA ILE C 136 -26.89 -9.42 -4.89
C ILE C 136 -26.83 -7.95 -4.48
N LEU C 137 -25.64 -7.35 -4.61
CA LEU C 137 -25.47 -5.93 -4.28
C LEU C 137 -26.28 -5.06 -5.24
N LEU C 138 -26.25 -5.36 -6.53
CA LEU C 138 -27.00 -4.59 -7.52
C LEU C 138 -28.52 -4.71 -7.32
N ASP C 139 -29.00 -5.86 -6.83
CA ASP C 139 -30.45 -6.03 -6.57
C ASP C 139 -30.94 -5.21 -5.39
N ARG C 140 -30.03 -4.88 -4.47
CA ARG C 140 -30.36 -4.07 -3.30
C ARG C 140 -30.58 -2.65 -3.83
N SER C 141 -29.62 -2.21 -4.65
CA SER C 141 -29.65 -0.89 -5.28
C SER C 141 -30.85 -0.72 -6.18
N ARG C 142 -31.18 -1.74 -6.97
CA ARG C 142 -32.30 -1.64 -7.89
C ARG C 142 -33.66 -1.68 -7.20
N GLU C 143 -33.81 -2.43 -6.11
CA GLU C 143 -35.12 -2.47 -5.40
C GLU C 143 -35.31 -1.23 -4.52
N GLU C 144 -34.23 -0.66 -4.03
CA GLU C 144 -34.28 0.60 -3.23
C GLU C 144 -34.56 1.78 -4.20
N SER C 145 -34.22 1.60 -5.49
CA SER C 145 -34.49 2.60 -6.52
C SER C 145 -35.95 2.49 -6.90
N ARG C 146 -36.47 1.27 -7.00
CA ARG C 146 -37.90 1.08 -7.29
C ARG C 146 -38.69 1.60 -6.12
N ARG C 147 -38.22 1.29 -4.91
CA ARG C 147 -38.86 1.74 -3.67
C ARG C 147 -39.24 3.22 -3.85
N GLU C 148 -38.24 4.11 -3.96
CA GLU C 148 -38.46 5.54 -4.15
C GLU C 148 -39.29 5.87 -5.40
N ARG C 149 -38.91 5.29 -6.54
CA ARG C 149 -39.62 5.51 -7.81
C ARG C 149 -41.10 5.14 -7.74
N SER C 150 -41.41 3.99 -7.14
CA SER C 150 -42.77 3.50 -7.04
C SER C 150 -43.64 4.27 -6.02
N LEU C 151 -43.09 4.49 -4.81
CA LEU C 151 -43.84 5.23 -3.77
C LEU C 151 -44.02 6.73 -4.12
N ARG C 152 -43.31 7.20 -5.15
CA ARG C 152 -43.41 8.59 -5.58
C ARG C 152 -44.69 8.83 -6.35
N SER D 1 8.33 -15.48 -8.82
CA SER D 1 9.33 -15.38 -9.91
C SER D 1 8.91 -14.33 -10.97
N ASN D 2 9.62 -14.37 -12.09
CA ASN D 2 9.36 -13.49 -13.23
C ASN D 2 8.06 -13.96 -13.90
N ALA D 3 7.72 -15.24 -13.70
CA ALA D 3 6.54 -15.85 -14.28
C ALA D 3 5.27 -15.43 -13.57
N ASP D 4 5.27 -15.59 -12.24
CA ASP D 4 4.12 -15.24 -11.41
C ASP D 4 3.75 -13.78 -11.53
N LEU D 5 4.77 -12.94 -11.69
CA LEU D 5 4.57 -11.51 -11.84
C LEU D 5 3.82 -11.15 -13.11
N LEU D 6 4.16 -11.84 -14.21
CA LEU D 6 3.49 -11.58 -15.47
C LEU D 6 2.01 -11.86 -15.39
N GLU D 7 1.65 -12.97 -14.76
CA GLU D 7 0.24 -13.32 -14.63
C GLU D 7 -0.50 -12.29 -13.82
N THR D 8 0.20 -11.67 -12.88
CA THR D 8 -0.39 -10.65 -12.04
C THR D 8 -0.58 -9.36 -12.85
N ARG D 9 0.44 -8.98 -13.63
CA ARG D 9 0.32 -7.77 -14.45
C ARG D 9 -0.76 -8.01 -15.47
N HIS D 10 -0.81 -9.23 -16.01
CA HIS D 10 -1.80 -9.58 -17.02
C HIS D 10 -3.16 -9.13 -16.53
N ALA D 11 -3.49 -9.54 -15.31
CA ALA D 11 -4.76 -9.20 -14.70
C ALA D 11 -4.92 -7.69 -14.46
N LEU D 12 -4.02 -7.14 -13.65
CA LEU D 12 -4.07 -5.73 -13.29
C LEU D 12 -3.88 -4.68 -14.42
N GLU D 13 -3.09 -5.00 -15.43
CA GLU D 13 -2.85 -4.03 -16.50
C GLU D 13 -4.01 -4.03 -17.46
N GLY D 14 -4.74 -5.12 -17.50
CA GLY D 14 -5.92 -5.19 -18.36
C GLY D 14 -6.96 -4.20 -17.84
N ILE D 15 -7.28 -4.34 -16.56
CA ILE D 15 -8.27 -3.48 -15.92
C ILE D 15 -7.79 -2.01 -15.93
N ALA D 16 -6.47 -1.80 -15.86
CA ALA D 16 -5.92 -0.47 -15.86
C ALA D 16 -6.23 0.20 -17.18
N ALA D 17 -5.94 -0.53 -18.25
CA ALA D 17 -6.17 -0.05 -19.60
C ALA D 17 -7.66 0.18 -19.85
N TYR D 18 -8.49 -0.69 -19.29
CA TYR D 18 -9.93 -0.56 -19.47
C TYR D 18 -10.43 0.77 -18.96
N TYR D 19 -10.20 1.04 -17.67
CA TYR D 19 -10.65 2.29 -17.07
C TYR D 19 -9.95 3.50 -17.63
N ALA D 20 -8.70 3.36 -18.03
CA ALA D 20 -7.98 4.49 -18.60
C ALA D 20 -8.71 4.93 -19.85
N ALA D 21 -9.17 3.97 -20.65
CA ALA D 21 -9.89 4.27 -21.88
C ALA D 21 -11.18 5.02 -21.59
N LEU D 22 -11.86 4.59 -20.53
CA LEU D 22 -13.15 5.14 -20.12
C LEU D 22 -13.10 6.46 -19.35
N ARG D 23 -12.12 6.61 -18.47
CA ARG D 23 -12.02 7.79 -17.60
C ARG D 23 -10.92 8.82 -17.89
N SER D 24 -10.01 8.55 -18.81
CA SER D 24 -8.95 9.52 -19.10
C SER D 24 -9.49 10.86 -19.59
N THR D 25 -8.95 11.94 -19.03
CA THR D 25 -9.32 13.30 -19.42
C THR D 25 -8.52 13.64 -20.68
N ASP D 26 -8.59 14.87 -21.14
CA ASP D 26 -7.81 15.27 -22.33
C ASP D 26 -6.33 15.47 -21.95
N GLU D 27 -6.09 15.99 -20.75
CA GLU D 27 -4.73 16.20 -20.26
C GLU D 27 -4.04 14.85 -20.05
N ASP D 28 -4.78 13.88 -19.49
CA ASP D 28 -4.25 12.52 -19.27
C ASP D 28 -3.80 11.95 -20.60
N LYS D 29 -4.73 11.89 -21.55
CA LYS D 29 -4.44 11.36 -22.88
C LYS D 29 -3.20 12.01 -23.52
N GLU D 30 -2.98 13.30 -23.26
CA GLU D 30 -1.84 14.00 -23.83
C GLU D 30 -0.54 13.61 -23.12
N ARG D 31 -0.57 13.56 -21.79
CA ARG D 31 0.61 13.17 -21.01
CA ARG D 31 0.62 13.17 -21.02
C ARG D 31 1.02 11.74 -21.35
N ILE D 32 0.03 10.91 -21.70
CA ILE D 32 0.28 9.52 -22.07
C ILE D 32 0.91 9.46 -23.48
N ARG D 33 0.49 10.35 -24.37
CA ARG D 33 1.01 10.39 -25.73
C ARG D 33 2.50 10.71 -25.72
N GLU D 34 2.92 11.62 -24.83
CA GLU D 34 4.33 11.99 -24.75
C GLU D 34 5.14 10.82 -24.21
N LEU D 35 4.59 10.11 -23.21
CA LEU D 35 5.28 8.95 -22.63
C LEU D 35 5.36 7.77 -23.59
N HIS D 36 4.34 7.59 -24.42
CA HIS D 36 4.34 6.52 -25.41
C HIS D 36 5.39 6.80 -26.47
N HIS D 37 5.45 8.05 -26.93
CA HIS D 37 6.43 8.45 -27.93
C HIS D 37 7.86 8.35 -27.36
N ALA D 38 8.01 8.57 -26.06
CA ALA D 38 9.32 8.48 -25.41
C ALA D 38 9.90 7.06 -25.51
N ILE D 39 9.01 6.06 -25.57
CA ILE D 39 9.40 4.65 -25.69
C ILE D 39 10.03 4.42 -27.05
N GLU D 40 9.42 5.00 -28.08
CA GLU D 40 9.90 4.86 -29.44
C GLU D 40 11.31 5.44 -29.57
N LEU D 41 11.53 6.63 -28.99
CA LEU D 41 12.85 7.28 -29.06
C LEU D 41 13.92 6.45 -28.34
N ALA D 42 13.57 5.87 -27.20
CA ALA D 42 14.50 5.05 -26.44
C ALA D 42 14.81 3.74 -27.19
N GLN D 43 13.82 3.20 -27.91
CA GLN D 43 14.01 1.97 -28.68
C GLN D 43 14.94 2.22 -29.87
N GLN D 44 14.71 3.32 -30.58
CA GLN D 44 15.54 3.66 -31.74
C GLN D 44 16.97 4.02 -31.36
N SER D 45 17.20 4.54 -30.16
CA SER D 45 18.57 4.86 -29.73
C SER D 45 19.27 3.56 -29.29
N GLY D 46 18.50 2.48 -29.16
CA GLY D 46 19.02 1.17 -28.77
C GLY D 46 19.47 1.08 -27.32
N ASP D 47 18.98 1.99 -26.48
CA ASP D 47 19.36 2.01 -25.07
C ASP D 47 18.30 1.25 -24.24
N LEU D 48 18.69 0.07 -23.75
CA LEU D 48 17.81 -0.81 -22.94
C LEU D 48 17.32 -0.13 -21.65
N ASP D 49 18.23 0.40 -20.84
CA ASP D 49 17.83 1.06 -19.60
C ASP D 49 16.91 2.27 -19.80
N ALA D 50 17.06 2.96 -20.92
CA ALA D 50 16.22 4.13 -21.23
C ALA D 50 14.80 3.69 -21.58
N GLU D 51 14.70 2.67 -22.44
CA GLU D 51 13.41 2.12 -22.88
C GLU D 51 12.70 1.41 -21.76
N SER D 52 13.46 0.80 -20.86
CA SER D 52 12.84 0.10 -19.75
C SER D 52 12.15 1.11 -18.83
N ASN D 53 12.83 2.24 -18.56
CA ASN D 53 12.24 3.30 -17.73
C ASN D 53 11.08 4.00 -18.44
N ALA D 54 11.17 4.11 -19.77
CA ALA D 54 10.09 4.75 -20.52
C ALA D 54 8.78 3.97 -20.40
N VAL D 55 8.89 2.65 -20.40
CA VAL D 55 7.73 1.76 -20.28
C VAL D 55 7.14 1.85 -18.88
N LEU D 56 8.00 1.84 -17.88
CA LEU D 56 7.53 1.93 -16.50
C LEU D 56 6.75 3.20 -16.30
N GLN D 57 7.27 4.33 -16.79
CA GLN D 57 6.60 5.65 -16.65
C GLN D 57 5.31 5.71 -17.44
N TYR D 58 5.30 5.07 -18.60
CA TYR D 58 4.09 5.01 -19.41
C TYR D 58 2.98 4.30 -18.61
N GLN D 59 3.29 3.09 -18.14
CA GLN D 59 2.31 2.27 -17.40
C GLN D 59 1.77 2.96 -16.15
N ILE D 60 2.62 3.76 -15.50
CA ILE D 60 2.19 4.51 -14.33
C ILE D 60 1.15 5.54 -14.76
N ALA D 61 1.46 6.30 -15.80
CA ALA D 61 0.55 7.32 -16.31
C ALA D 61 -0.78 6.71 -16.71
N VAL D 62 -0.74 5.56 -17.34
CA VAL D 62 -1.96 4.86 -17.73
C VAL D 62 -2.79 4.51 -16.49
N THR D 63 -2.11 4.02 -15.46
CA THR D 63 -2.79 3.65 -14.23
C THR D 63 -3.41 4.89 -13.57
N GLU D 64 -2.68 6.00 -13.52
CA GLU D 64 -3.21 7.24 -12.94
C GLU D 64 -4.40 7.74 -13.75
N ALA D 65 -4.30 7.62 -15.08
CA ALA D 65 -5.36 8.05 -15.98
C ALA D 65 -6.63 7.21 -15.83
N ALA D 66 -6.51 6.05 -15.17
CA ALA D 66 -7.65 5.18 -14.94
C ALA D 66 -8.51 5.68 -13.77
N HIS D 67 -7.95 6.56 -12.93
CA HIS D 67 -8.69 7.11 -11.80
C HIS D 67 -9.39 6.01 -11.02
N ASN D 68 -8.61 5.04 -10.59
CA ASN D 68 -9.11 3.91 -9.83
C ASN D 68 -8.17 3.78 -8.66
N VAL D 69 -8.60 4.30 -7.52
CA VAL D 69 -7.80 4.30 -6.31
C VAL D 69 -7.11 2.97 -5.96
N VAL D 70 -7.84 1.85 -5.97
CA VAL D 70 -7.21 0.59 -5.60
C VAL D 70 -6.10 0.17 -6.58
N LEU D 71 -6.33 0.33 -7.87
CA LEU D 71 -5.32 -0.06 -8.85
C LEU D 71 -4.02 0.68 -8.67
N LEU D 72 -4.12 1.99 -8.46
CA LEU D 72 -2.94 2.81 -8.30
C LEU D 72 -2.19 2.39 -7.06
N HIS D 73 -2.96 2.12 -6.00
CA HIS D 73 -2.37 1.68 -4.73
C HIS D 73 -1.63 0.36 -4.89
N LEU D 74 -2.18 -0.54 -5.71
CA LEU D 74 -1.53 -1.82 -5.93
C LEU D 74 -0.27 -1.69 -6.78
N LEU D 75 -0.26 -0.72 -7.70
CA LEU D 75 0.91 -0.52 -8.53
C LEU D 75 2.05 0.00 -7.67
N ARG D 76 1.77 1.04 -6.88
CA ARG D 76 2.79 1.62 -6.01
C ARG D 76 3.31 0.59 -5.06
N CYS D 77 2.42 -0.27 -4.62
CA CYS D 77 2.80 -1.32 -3.70
C CYS D 77 3.82 -2.28 -4.30
N GLU D 79 5.53 -1.56 -7.21
CA GLU D 79 6.42 -0.81 -8.14
C GLU D 79 7.87 -1.32 -8.24
N PRO D 80 8.53 -1.62 -7.11
CA PRO D 80 9.90 -2.12 -7.22
C PRO D 80 10.00 -3.43 -8.00
N LEU D 82 7.77 -4.53 -10.12
CA LEU D 82 7.29 -4.23 -11.48
C LEU D 82 8.44 -3.68 -12.31
N ALA D 83 9.14 -2.69 -11.77
CA ALA D 83 10.29 -2.08 -12.45
C ALA D 83 11.34 -3.13 -12.79
N GLN D 84 11.53 -4.08 -11.89
CA GLN D 84 12.49 -5.16 -12.06
C GLN D 84 12.03 -6.11 -13.15
N ASN D 85 10.74 -6.43 -13.15
CA ASN D 85 10.15 -7.33 -14.15
C ASN D 85 10.32 -6.75 -15.56
N VAL D 86 9.96 -5.48 -15.75
CA VAL D 86 10.12 -4.83 -17.06
C VAL D 86 11.59 -4.83 -17.50
N ARG D 87 12.50 -4.48 -16.59
CA ARG D 87 13.93 -4.45 -16.89
C ARG D 87 14.38 -5.87 -17.33
N GLN D 88 13.97 -6.92 -16.59
CA GLN D 88 14.33 -8.30 -16.95
C GLN D 88 13.74 -8.71 -18.29
N ASN D 89 12.47 -8.37 -18.53
CA ASN D 89 11.84 -8.69 -19.81
C ASN D 89 12.65 -8.09 -20.94
N PHE D 90 13.01 -6.81 -20.84
CA PHE D 90 13.81 -6.17 -21.88
C PHE D 90 15.21 -6.73 -22.04
N GLU D 91 15.77 -7.35 -21.01
CA GLU D 91 17.08 -7.96 -21.14
C GLU D 91 16.92 -9.18 -22.07
N LEU D 92 15.83 -9.90 -21.90
CA LEU D 92 15.54 -11.07 -22.74
C LEU D 92 15.07 -10.67 -24.14
N LEU D 93 14.41 -9.52 -24.28
CA LEU D 93 13.95 -9.04 -25.60
C LEU D 93 15.13 -8.51 -26.40
N TYR D 94 16.05 -7.81 -25.73
CA TYR D 94 17.27 -7.29 -26.41
C TYR D 94 18.19 -8.44 -26.87
N SER D 95 17.92 -9.65 -26.41
CA SER D 95 18.65 -10.84 -26.82
C SER D 95 18.12 -11.21 -28.22
N ARG D 96 16.80 -11.09 -28.42
CA ARG D 96 16.15 -11.34 -29.71
C ARG D 96 15.58 -10.04 -30.26
N ARG D 97 16.45 -9.15 -30.73
CA ARG D 97 16.02 -7.84 -31.23
C ARG D 97 14.90 -7.83 -32.27
N GLU D 98 14.71 -8.93 -32.99
CA GLU D 98 13.62 -9.03 -33.98
C GLU D 98 12.21 -8.94 -33.37
N LEU D 100 11.39 -7.00 -30.53
CA LEU D 100 11.11 -5.62 -30.06
C LEU D 100 10.01 -4.86 -30.82
N PRO D 101 10.09 -4.80 -32.16
CA PRO D 101 9.06 -4.11 -32.92
C PRO D 101 7.66 -4.71 -32.71
N LEU D 102 7.59 -6.05 -32.66
CA LEU D 102 6.33 -6.76 -32.43
C LEU D 102 5.76 -6.49 -31.04
N VAL D 103 6.63 -6.29 -30.05
CA VAL D 103 6.18 -5.99 -28.69
C VAL D 103 5.62 -4.59 -28.67
N SER D 104 6.40 -3.63 -29.18
CA SER D 104 5.95 -2.23 -29.23
C SER D 104 4.66 -2.15 -30.02
N SER D 105 4.55 -2.97 -31.05
CA SER D 105 3.35 -3.03 -31.88
C SER D 105 2.13 -3.36 -31.01
N HIS D 106 2.23 -4.45 -30.23
CA HIS D 106 1.14 -4.87 -29.34
C HIS D 106 0.81 -3.80 -28.32
N ARG D 107 1.84 -3.19 -27.74
CA ARG D 107 1.62 -2.14 -26.74
C ARG D 107 0.95 -0.90 -27.39
N THR D 108 1.26 -0.64 -28.66
CA THR D 108 0.66 0.51 -29.36
C THR D 108 -0.84 0.28 -29.63
N ARG D 109 -1.28 -0.98 -29.79
CA ARG D 109 -2.71 -1.24 -30.00
C ARG D 109 -3.48 -0.88 -28.72
N ILE D 110 -2.83 -0.97 -27.55
CA ILE D 110 -3.44 -0.62 -26.26
C ILE D 110 -3.56 0.89 -26.25
N PHE D 111 -2.43 1.57 -26.44
CA PHE D 111 -2.40 3.03 -26.47
C PHE D 111 -3.48 3.61 -27.39
N GLU D 112 -3.50 3.18 -28.64
CA GLU D 112 -4.48 3.65 -29.63
C GLU D 112 -5.91 3.44 -29.16
N ALA D 113 -6.17 2.29 -28.52
CA ALA D 113 -7.52 1.99 -28.00
C ALA D 113 -7.89 2.90 -26.82
N ILE D 114 -6.89 3.34 -26.06
CA ILE D 114 -7.12 4.24 -24.93
C ILE D 114 -7.44 5.63 -25.45
N ALA D 116 -8.58 6.37 -28.27
CA ALA D 116 -9.89 6.25 -28.94
C ALA D 116 -11.08 6.05 -28.01
N GLY D 117 -10.82 5.79 -26.73
CA GLY D 117 -11.87 5.59 -25.74
C GLY D 117 -12.66 4.30 -25.90
N LYS D 118 -11.99 3.22 -26.32
CA LYS D 118 -12.62 1.91 -26.51
C LYS D 118 -12.09 0.99 -25.39
N PRO D 119 -12.84 0.85 -24.29
CA PRO D 119 -12.36 0.01 -23.18
C PRO D 119 -12.18 -1.48 -23.45
N GLU D 120 -13.18 -2.15 -24.02
CA GLU D 120 -13.03 -3.59 -24.26
C GLU D 120 -11.83 -3.91 -25.16
N GLU D 121 -11.58 -3.08 -26.18
CA GLU D 121 -10.43 -3.27 -27.07
C GLU D 121 -9.11 -3.05 -26.32
N ALA D 122 -9.10 -2.04 -25.48
CA ALA D 122 -7.91 -1.70 -24.71
C ALA D 122 -7.55 -2.87 -23.77
N ARG D 123 -8.55 -3.43 -23.10
CA ARG D 123 -8.29 -4.55 -22.20
C ARG D 123 -7.82 -5.79 -22.95
N GLU D 124 -8.49 -6.09 -24.05
CA GLU D 124 -8.12 -7.26 -24.85
C GLU D 124 -6.70 -7.06 -25.41
N ALA D 125 -6.37 -5.82 -25.78
CA ALA D 125 -5.04 -5.52 -26.32
C ALA D 125 -3.94 -5.77 -25.29
N SER D 126 -4.22 -5.41 -24.04
CA SER D 126 -3.27 -5.62 -22.94
C SER D 126 -3.06 -7.10 -22.70
N HIS D 127 -4.14 -7.88 -22.72
CA HIS D 127 -4.00 -9.32 -22.52
C HIS D 127 -3.08 -9.89 -23.59
N ARG D 128 -3.33 -9.56 -24.86
CA ARG D 128 -2.50 -10.07 -25.95
C ARG D 128 -1.08 -9.58 -25.88
N HIS D 129 -0.89 -8.36 -25.38
CA HIS D 129 0.44 -7.81 -25.26
C HIS D 129 1.32 -8.59 -24.26
N LEU D 130 0.78 -8.83 -23.08
CA LEU D 130 1.48 -9.56 -22.02
C LEU D 130 1.50 -11.05 -22.30
N ALA D 131 0.43 -11.56 -22.90
CA ALA D 131 0.37 -12.98 -23.26
C ALA D 131 1.51 -13.29 -24.23
N PHE D 132 1.75 -12.36 -25.15
CA PHE D 132 2.81 -12.50 -26.15
C PHE D 132 4.19 -12.45 -25.50
N ILE D 133 4.34 -11.70 -24.42
CA ILE D 133 5.61 -11.62 -23.71
C ILE D 133 5.83 -12.92 -22.94
N GLU D 134 4.78 -13.44 -22.29
CA GLU D 134 4.86 -14.71 -21.57
C GLU D 134 5.33 -15.80 -22.52
N GLU D 135 4.83 -15.80 -23.77
CA GLU D 135 5.20 -16.80 -24.79
C GLU D 135 6.70 -16.73 -25.13
N ILE D 136 7.23 -15.51 -25.26
CA ILE D 136 8.66 -15.31 -25.56
C ILE D 136 9.52 -15.80 -24.39
N LEU D 137 9.06 -15.56 -23.17
CA LEU D 137 9.77 -16.00 -21.97
C LEU D 137 9.81 -17.52 -21.89
N LEU D 138 8.68 -18.17 -22.18
CA LEU D 138 8.63 -19.64 -22.14
C LEU D 138 9.50 -20.29 -23.21
N ASP D 139 9.68 -19.62 -24.35
CA ASP D 139 10.56 -20.16 -25.42
C ASP D 139 12.06 -20.11 -25.01
N ARG D 140 12.35 -20.62 -23.80
CA ARG D 140 13.71 -20.69 -23.21
C ARG D 140 13.89 -21.93 -22.31
#